data_3QOX
#
_entry.id   3QOX
#
_cell.length_a   152.710
_cell.length_b   152.710
_cell.length_c   51.310
_cell.angle_alpha   90.00
_cell.angle_beta   90.00
_cell.angle_gamma   120.00
#
_symmetry.space_group_name_H-M   'P 65'
#
loop_
_entity.id
_entity.type
_entity.pdbx_description
1 polymer 'Histone-lysine N-methyltransferase'
2 non-polymer S-ADENOSYL-L-HOMOCYSTEINE
3 non-polymer 'SULFATE ION'
4 water water
#
_entity_poly.entity_id   1
_entity_poly.type   'polypeptide(L)'
_entity_poly.pdbx_seq_one_letter_code
;MHHHHHHSSGMGEKLELRLKSPVGAEPAVYPWPLPVYDKHHDAAHEIIETIRWVCEEIPDLKLAMENYVLIDYDTKSFES
MQRLCDKYNRAIDSIHQLWKGTTQPMKLNTRPSTGLLRHILQQVYNHSVTDPEKLNNYEPFSPEVYGETSFDLVAQMIDE
IKMTDDDLFVDLGSGVGQVVLQVAAATNCKHHYGVEKADIPAKYAETMDREFRKWMKWYGKKHAEYTLERGDFLSEEWRE
RIANTSVIFVNNFAFGPEVDHQLKERFANMKEGGRIVSSKPFAPLNFRINSRNLSDIGTIMRVVELSPLKGSVSWTGKPV
SYYLHTIDRTILENYFSSLKNPKLREEQEAARRRQQRESKSNAATPTKGPEGKVAGPADAPMDSGAEEEKAGAATVKKPS
PSKARKKKLNKKGRKMAGRKRGRPKK
;
_entity_poly.pdbx_strand_id   A
#
# COMPACT_ATOMS: atom_id res chain seq x y z
N LEU A 15 -4.30 19.17 28.36
CA LEU A 15 -5.41 19.53 27.42
C LEU A 15 -5.38 18.65 26.15
N GLU A 16 -6.43 17.83 25.98
CA GLU A 16 -6.40 16.69 25.04
C GLU A 16 -7.78 16.26 24.54
N LEU A 17 -7.78 15.52 23.43
CA LEU A 17 -8.99 14.85 22.92
C LEU A 17 -8.75 13.36 22.81
N ARG A 18 -9.75 12.57 23.19
CA ARG A 18 -9.59 11.12 23.28
C ARG A 18 -10.66 10.39 22.50
N LEU A 19 -10.26 9.34 21.79
CA LEU A 19 -11.20 8.47 21.11
C LEU A 19 -10.96 7.05 21.57
N LYS A 20 -12.01 6.43 22.09
CA LYS A 20 -11.95 5.05 22.55
C LYS A 20 -11.98 4.09 21.37
N SER A 21 -11.19 3.02 21.49
CA SER A 21 -11.12 1.96 20.49
C SER A 21 -12.40 1.11 20.52
N PRO A 22 -12.91 0.73 19.33
CA PRO A 22 -14.10 -0.14 19.29
C PRO A 22 -13.86 -1.50 19.89
N VAL A 23 -12.60 -1.90 20.02
CA VAL A 23 -12.26 -3.25 20.49
C VAL A 23 -11.42 -3.24 21.77
N GLY A 24 -11.40 -2.13 22.49
CA GLY A 24 -10.72 -2.06 23.78
C GLY A 24 -9.22 -1.86 23.75
N ALA A 25 -8.65 -1.48 22.61
CA ALA A 25 -7.22 -1.08 22.59
C ALA A 25 -7.08 0.27 23.29
N GLU A 26 -5.85 0.71 23.50
CA GLU A 26 -5.57 2.00 24.10
C GLU A 26 -6.24 3.11 23.30
N PRO A 27 -6.88 4.08 23.99
CA PRO A 27 -7.52 5.14 23.26
C PRO A 27 -6.53 5.95 22.42
N ALA A 28 -7.03 6.57 21.36
CA ALA A 28 -6.25 7.49 20.56
C ALA A 28 -6.35 8.86 21.22
N VAL A 29 -5.20 9.48 21.45
CA VAL A 29 -5.18 10.79 22.12
C VAL A 29 -4.55 11.85 21.23
N TYR A 30 -5.23 12.99 21.13
CA TYR A 30 -4.83 14.10 20.26
C TYR A 30 -4.63 15.37 21.07
N PRO A 31 -3.48 16.06 20.88
CA PRO A 31 -3.20 17.26 21.66
C PRO A 31 -4.04 18.44 21.17
N TRP A 32 -4.17 19.46 22.00
CA TRP A 32 -4.86 20.68 21.59
C TRP A 32 -3.89 21.87 21.70
N PRO A 33 -3.91 22.78 20.71
CA PRO A 33 -4.75 22.80 19.51
C PRO A 33 -4.39 21.65 18.55
N LEU A 34 -5.34 21.31 17.68
CA LEU A 34 -5.20 20.16 16.81
C LEU A 34 -4.23 20.48 15.68
N PRO A 35 -3.29 19.56 15.41
CA PRO A 35 -2.33 19.83 14.35
C PRO A 35 -2.91 19.77 12.95
N VAL A 36 -2.20 20.41 12.03
CA VAL A 36 -2.51 20.39 10.60
C VAL A 36 -1.43 19.55 9.90
N TYR A 37 -1.83 18.77 8.91
CA TYR A 37 -0.86 17.89 8.25
C TYR A 37 -0.33 18.47 6.96
N ASP A 38 -1.24 19.01 6.15
CA ASP A 38 -0.91 19.72 4.92
C ASP A 38 -2.12 20.56 4.57
N LYS A 39 -2.10 21.18 3.40
CA LYS A 39 -3.18 22.07 2.95
C LYS A 39 -4.58 21.41 2.99
N HIS A 40 -4.63 20.09 2.81
CA HIS A 40 -5.93 19.41 2.70
C HIS A 40 -6.25 18.40 3.82
N HIS A 41 -5.40 18.33 4.83
CA HIS A 41 -5.56 17.36 5.91
C HIS A 41 -5.18 17.94 7.28
N ASP A 42 -6.09 17.86 8.23
CA ASP A 42 -5.74 18.12 9.62
C ASP A 42 -6.29 17.08 10.58
N ALA A 43 -5.89 17.18 11.84
CA ALA A 43 -6.24 16.18 12.85
C ALA A 43 -7.75 16.20 13.18
N ALA A 44 -8.35 17.38 13.11
CA ALA A 44 -9.79 17.57 13.37
C ALA A 44 -10.62 16.75 12.43
N HIS A 45 -10.28 16.78 11.16
CA HIS A 45 -11.02 16.00 10.17
C HIS A 45 -10.69 14.51 10.23
N GLU A 46 -9.45 14.18 10.64
CA GLU A 46 -9.07 12.80 10.92
C GLU A 46 -9.96 12.19 12.01
N ILE A 47 -10.21 12.97 13.06
CA ILE A 47 -11.10 12.58 14.18
C ILE A 47 -12.51 12.30 13.69
N ILE A 48 -13.08 13.24 12.96
CA ILE A 48 -14.42 13.13 12.42
C ILE A 48 -14.55 11.93 11.48
N GLU A 49 -13.57 11.74 10.61
CA GLU A 49 -13.58 10.60 9.69
C GLU A 49 -13.40 9.27 10.42
N THR A 50 -12.56 9.26 11.44
CA THR A 50 -12.35 8.04 12.25
C THR A 50 -13.68 7.59 12.88
N ILE A 51 -14.42 8.53 13.46
CA ILE A 51 -15.75 8.27 14.02
C ILE A 51 -16.67 7.75 12.92
N ARG A 52 -16.64 8.40 11.76
CA ARG A 52 -17.46 7.96 10.63
C ARG A 52 -17.15 6.51 10.30
N TRP A 53 -15.86 6.16 10.21
CA TRP A 53 -15.47 4.80 9.84
C TRP A 53 -15.75 3.75 10.89
N VAL A 54 -15.56 4.09 12.17
CA VAL A 54 -15.95 3.14 13.22
C VAL A 54 -17.46 2.87 13.15
N CYS A 55 -18.24 3.89 12.83
CA CYS A 55 -19.69 3.72 12.57
C CYS A 55 -20.00 2.74 11.44
N GLU A 56 -19.15 2.69 10.40
CA GLU A 56 -19.29 1.70 9.31
C GLU A 56 -18.93 0.30 9.78
N GLU A 57 -18.01 0.20 10.74
CA GLU A 57 -17.66 -1.10 11.31
C GLU A 57 -18.75 -1.66 12.21
N ILE A 58 -19.51 -0.78 12.86
CA ILE A 58 -20.50 -1.22 13.84
C ILE A 58 -21.84 -0.51 13.61
N PRO A 59 -22.79 -1.21 12.96
CA PRO A 59 -24.14 -0.69 12.71
C PRO A 59 -24.80 -0.06 13.95
N ASP A 60 -24.68 -0.74 15.09
CA ASP A 60 -25.31 -0.28 16.34
C ASP A 60 -24.77 1.07 16.75
N LEU A 61 -23.48 1.25 16.58
CA LEU A 61 -22.83 2.53 16.86
C LEU A 61 -23.32 3.61 15.92
N LYS A 62 -23.48 3.25 14.64
CA LYS A 62 -23.99 4.17 13.63
C LYS A 62 -25.40 4.64 13.98
N LEU A 63 -26.24 3.72 14.44
CA LEU A 63 -27.58 4.06 14.96
C LEU A 63 -27.48 5.14 16.03
N ALA A 64 -26.69 4.87 17.07
CA ALA A 64 -26.54 5.79 18.19
C ALA A 64 -26.02 7.17 17.76
N MET A 65 -25.18 7.20 16.73
CA MET A 65 -24.61 8.48 16.31
C MET A 65 -25.60 9.34 15.52
N GLU A 66 -26.57 8.70 14.86
CA GLU A 66 -27.63 9.44 14.14
C GLU A 66 -28.35 10.44 15.07
N ASN A 67 -28.60 10.01 16.31
CA ASN A 67 -29.29 10.82 17.33
C ASN A 67 -28.43 11.99 17.81
N LEU A 70 -26.25 13.39 15.78
CA LEU A 70 -25.74 14.42 14.87
C LEU A 70 -25.82 15.80 15.50
N ILE A 71 -24.84 16.64 15.19
CA ILE A 71 -24.77 18.00 15.72
C ILE A 71 -23.82 18.88 14.89
N ASP A 72 -23.81 20.18 15.20
CA ASP A 72 -22.91 21.13 14.54
C ASP A 72 -21.49 20.95 15.05
N TYR A 73 -20.56 20.71 14.11
CA TYR A 73 -19.14 20.63 14.43
C TYR A 73 -18.42 21.79 13.75
N ASP A 74 -17.61 22.52 14.52
CA ASP A 74 -16.90 23.67 13.99
C ASP A 74 -15.44 23.38 13.62
N THR A 75 -14.82 22.45 14.36
CA THR A 75 -13.40 22.07 14.25
C THR A 75 -12.43 23.14 14.76
N LYS A 76 -12.98 24.25 15.24
CA LYS A 76 -12.19 25.39 15.72
C LYS A 76 -12.22 25.52 17.23
N SER A 77 -13.33 25.09 17.85
CA SER A 77 -13.48 25.16 19.31
C SER A 77 -13.19 23.84 19.98
N PHE A 78 -12.47 23.91 21.10
CA PHE A 78 -12.18 22.74 21.91
C PHE A 78 -13.46 22.08 22.42
N GLU A 79 -14.31 22.86 23.09
CA GLU A 79 -15.53 22.31 23.71
C GLU A 79 -16.44 21.60 22.68
N SER A 80 -16.49 22.13 21.45
CA SER A 80 -17.31 21.53 20.40
C SER A 80 -16.73 20.18 19.94
N MET A 81 -15.40 20.11 19.87
CA MET A 81 -14.70 18.89 19.47
C MET A 81 -14.69 17.87 20.60
N GLN A 82 -14.41 18.35 21.82
CA GLN A 82 -14.51 17.55 23.04
C GLN A 82 -15.93 16.99 23.21
N ARG A 83 -16.93 17.79 22.84
CA ARG A 83 -18.31 17.35 22.79
C ARG A 83 -18.53 16.19 21.83
N LEU A 84 -18.07 16.34 20.58
CA LEU A 84 -18.20 15.28 19.57
C LEU A 84 -17.55 13.97 20.02
N CYS A 85 -16.36 14.08 20.59
CA CYS A 85 -15.61 12.91 21.06
C CYS A 85 -16.36 12.19 22.20
N ASP A 86 -16.86 12.98 23.17
CA ASP A 86 -17.62 12.45 24.29
C ASP A 86 -18.83 11.67 23.83
N LYS A 87 -19.53 12.18 22.83
CA LYS A 87 -20.70 11.49 22.30
C LYS A 87 -20.33 10.15 21.67
N TYR A 88 -19.20 10.12 20.97
CA TYR A 88 -18.71 8.88 20.38
C TYR A 88 -18.27 7.91 21.47
N ASN A 89 -17.49 8.41 22.43
CA ASN A 89 -17.00 7.60 23.55
C ASN A 89 -18.13 6.99 24.40
N ARG A 90 -19.17 7.76 24.66
CA ARG A 90 -20.35 7.25 25.38
C ARG A 90 -21.07 6.17 24.59
N ALA A 91 -21.17 6.36 23.28
CA ALA A 91 -21.79 5.35 22.42
C ALA A 91 -20.95 4.08 22.38
N ILE A 92 -19.64 4.24 22.42
CA ILE A 92 -18.74 3.07 22.51
C ILE A 92 -18.91 2.26 23.82
N ASP A 93 -19.00 2.95 24.95
CA ASP A 93 -19.29 2.29 26.22
C ASP A 93 -20.56 1.45 26.15
N SER A 94 -21.64 2.04 25.63
CA SER A 94 -22.91 1.34 25.54
C SER A 94 -22.83 0.10 24.66
N ILE A 95 -22.20 0.23 23.49
CA ILE A 95 -21.95 -0.93 22.61
C ILE A 95 -21.17 -2.03 23.31
N HIS A 96 -20.15 -1.64 24.06
CA HIS A 96 -19.40 -2.57 24.89
C HIS A 96 -20.27 -3.30 25.93
N GLN A 97 -21.30 -2.62 26.45
CA GLN A 97 -22.26 -3.22 27.39
C GLN A 97 -23.19 -4.18 26.65
N LEU A 98 -23.59 -3.76 25.45
CA LEU A 98 -24.41 -4.59 24.57
C LEU A 98 -23.72 -5.92 24.31
N TRP A 99 -22.42 -5.88 24.04
CA TRP A 99 -21.65 -7.09 23.79
C TRP A 99 -21.51 -7.97 25.03
N LYS A 100 -21.72 -7.40 26.22
CA LYS A 100 -21.73 -8.18 27.45
C LYS A 100 -23.08 -8.90 27.61
N GLY A 101 -24.11 -8.40 26.93
CA GLY A 101 -25.41 -9.05 26.89
C GLY A 101 -25.39 -10.25 25.94
N THR A 102 -26.43 -10.37 25.12
CA THR A 102 -26.54 -11.48 24.18
C THR A 102 -25.95 -11.14 22.80
N THR A 103 -25.94 -9.84 22.47
CA THR A 103 -25.46 -9.34 21.18
C THR A 103 -24.02 -9.77 20.86
N GLN A 104 -23.85 -10.41 19.70
CA GLN A 104 -22.53 -10.83 19.21
C GLN A 104 -21.65 -9.61 19.01
N PRO A 105 -20.42 -9.66 19.55
CA PRO A 105 -19.50 -8.55 19.35
C PRO A 105 -18.95 -8.57 17.93
N MET A 106 -18.58 -7.40 17.43
CA MET A 106 -17.90 -7.28 16.14
C MET A 106 -16.91 -8.42 16.02
N LYS A 107 -16.94 -9.10 14.87
CA LYS A 107 -15.97 -10.14 14.57
C LYS A 107 -14.58 -9.52 14.52
N LEU A 108 -13.62 -10.15 15.20
CA LEU A 108 -12.22 -9.75 15.10
C LEU A 108 -11.61 -10.49 13.92
N ASN A 109 -10.30 -10.33 13.69
CA ASN A 109 -9.62 -11.14 12.67
C ASN A 109 -9.99 -10.83 11.22
N THR A 110 -10.83 -9.84 10.95
CA THR A 110 -11.19 -9.57 9.55
C THR A 110 -10.28 -8.51 8.93
N ARG A 111 -10.27 -8.49 7.59
CA ARG A 111 -9.59 -7.47 6.82
C ARG A 111 -10.47 -6.24 6.78
N PRO A 112 -9.84 -5.06 6.72
CA PRO A 112 -10.61 -3.85 6.56
C PRO A 112 -11.20 -3.80 5.18
N SER A 113 -12.37 -3.17 5.05
CA SER A 113 -12.90 -2.85 3.74
C SER A 113 -11.94 -1.85 3.07
N THR A 114 -12.06 -1.75 1.75
CA THR A 114 -11.29 -0.80 0.94
C THR A 114 -11.40 0.64 1.44
N GLY A 115 -12.62 1.12 1.66
CA GLY A 115 -12.86 2.46 2.19
C GLY A 115 -12.21 2.67 3.57
N LEU A 116 -12.33 1.70 4.47
CA LEU A 116 -11.68 1.81 5.78
C LEU A 116 -10.16 1.84 5.63
N LEU A 117 -9.62 0.96 4.77
CA LEU A 117 -8.16 0.89 4.55
C LEU A 117 -7.59 2.22 4.05
N ARG A 118 -8.27 2.83 3.08
CA ARG A 118 -7.87 4.12 2.57
C ARG A 118 -7.68 5.09 3.74
N HIS A 119 -8.69 5.16 4.61
CA HIS A 119 -8.69 6.06 5.74
C HIS A 119 -7.56 5.71 6.69
N ILE A 120 -7.40 4.42 6.97
CA ILE A 120 -6.33 3.96 7.83
C ILE A 120 -4.94 4.38 7.32
N LEU A 121 -4.71 4.21 6.02
CA LEU A 121 -3.40 4.55 5.45
C LEU A 121 -3.16 6.05 5.41
N GLN A 122 -4.21 6.82 5.17
CA GLN A 122 -4.07 8.27 5.24
C GLN A 122 -3.68 8.71 6.67
N GLN A 123 -4.39 8.16 7.66
CA GLN A 123 -4.11 8.37 9.08
C GLN A 123 -2.66 7.99 9.47
N VAL A 124 -2.24 6.79 9.10
CA VAL A 124 -0.87 6.33 9.36
C VAL A 124 0.15 7.26 8.69
N TYR A 125 -0.09 7.60 7.43
CA TYR A 125 0.79 8.52 6.74
C TYR A 125 0.88 9.88 7.46
N ASN A 126 -0.27 10.47 7.77
CA ASN A 126 -0.26 11.81 8.42
C ASN A 126 0.45 11.82 9.78
N HIS A 127 0.35 10.73 10.51
CA HIS A 127 1.04 10.61 11.79
C HIS A 127 2.51 10.27 11.66
N SER A 128 2.94 9.76 10.50
CA SER A 128 4.32 9.24 10.33
C SER A 128 5.22 10.18 9.54
N VAL A 129 4.66 10.78 8.49
CA VAL A 129 5.45 11.62 7.62
C VAL A 129 5.36 13.06 8.14
N THR A 130 6.14 13.32 9.18
CA THR A 130 6.03 14.57 9.95
C THR A 130 6.38 15.78 9.13
N ASP A 131 7.33 15.63 8.21
CA ASP A 131 7.64 16.70 7.29
C ASP A 131 7.69 16.19 5.84
N PRO A 132 6.54 16.21 5.14
CA PRO A 132 6.39 15.60 3.82
C PRO A 132 7.30 16.23 2.78
N GLU A 133 7.63 17.51 3.00
CA GLU A 133 8.58 18.22 2.15
C GLU A 133 9.92 17.50 2.05
N LYS A 134 10.36 16.88 3.14
CA LYS A 134 11.67 16.24 3.19
C LYS A 134 11.85 15.09 2.15
N LEU A 135 10.75 14.52 1.69
CA LEU A 135 10.75 13.42 0.70
C LEU A 135 11.14 13.89 -0.69
N ASN A 136 11.06 15.20 -0.89
CA ASN A 136 11.47 15.82 -2.15
C ASN A 136 12.95 16.20 -2.18
N ASN A 137 13.67 15.97 -1.09
CA ASN A 137 15.10 16.29 -1.01
C ASN A 137 15.98 15.11 -1.47
N TYR A 138 15.70 14.60 -2.66
CA TYR A 138 16.52 13.56 -3.28
C TYR A 138 17.38 14.22 -4.37
N GLU A 139 18.45 13.54 -4.77
CA GLU A 139 19.21 13.95 -5.94
C GLU A 139 18.33 13.76 -7.17
N PRO A 140 18.01 14.86 -7.89
CA PRO A 140 17.22 14.77 -9.12
C PRO A 140 17.98 14.03 -10.21
N PHE A 141 17.25 13.51 -11.20
CA PHE A 141 17.84 12.81 -12.34
C PHE A 141 18.68 11.60 -11.90
N SER A 142 18.39 11.08 -10.71
CA SER A 142 19.03 9.87 -10.20
C SER A 142 17.96 8.79 -9.92
N PRO A 143 18.38 7.54 -9.64
CA PRO A 143 17.41 6.50 -9.27
C PRO A 143 16.67 6.79 -7.97
N GLU A 144 17.16 7.77 -7.19
CA GLU A 144 16.48 8.09 -5.95
C GLU A 144 15.29 9.05 -6.08
N VAL A 145 14.95 9.47 -7.31
CA VAL A 145 13.74 10.26 -7.53
C VAL A 145 12.52 9.61 -6.83
N TYR A 146 11.83 10.41 -6.02
CA TYR A 146 10.72 9.89 -5.24
C TYR A 146 9.38 10.23 -5.88
N GLY A 147 8.50 9.23 -5.93
CA GLY A 147 7.13 9.40 -6.43
C GLY A 147 6.28 8.33 -5.76
N GLU A 148 5.04 8.65 -5.41
CA GLU A 148 4.15 7.72 -4.71
C GLU A 148 3.10 7.17 -5.64
N THR A 149 2.98 5.85 -5.68
CA THR A 149 1.91 5.17 -6.37
C THR A 149 0.61 5.40 -5.58
N SER A 150 -0.47 5.73 -6.26
CA SER A 150 -1.71 6.09 -5.57
C SER A 150 -2.38 4.86 -4.96
N PHE A 151 -3.17 5.07 -3.91
CA PHE A 151 -4.02 4.02 -3.34
C PHE A 151 -4.87 3.30 -4.39
N ASP A 152 -5.49 4.04 -5.31
CA ASP A 152 -6.34 3.43 -6.35
C ASP A 152 -5.61 2.50 -7.33
N LEU A 153 -4.39 2.84 -7.72
CA LEU A 153 -3.65 1.93 -8.59
C LEU A 153 -3.29 0.66 -7.85
N VAL A 154 -2.80 0.80 -6.62
CA VAL A 154 -2.51 -0.38 -5.79
C VAL A 154 -3.77 -1.26 -5.63
N ALA A 155 -4.93 -0.62 -5.46
CA ALA A 155 -6.20 -1.34 -5.29
C ALA A 155 -6.54 -2.12 -6.56
N GLN A 156 -6.34 -1.48 -7.71
CA GLN A 156 -6.50 -2.18 -8.98
C GLN A 156 -5.51 -3.32 -9.11
N MET A 157 -4.27 -3.11 -8.69
CA MET A 157 -3.30 -4.19 -8.78
C MET A 157 -3.79 -5.34 -7.95
N ILE A 158 -4.22 -5.07 -6.71
CA ILE A 158 -4.70 -6.12 -5.82
C ILE A 158 -5.86 -6.92 -6.45
N ASP A 159 -6.78 -6.22 -7.12
CA ASP A 159 -7.96 -6.83 -7.74
C ASP A 159 -7.60 -7.70 -8.95
N GLU A 160 -6.73 -7.20 -9.82
CA GLU A 160 -6.39 -7.89 -11.06
C GLU A 160 -5.35 -9.00 -10.87
N ILE A 161 -4.33 -8.73 -10.06
CA ILE A 161 -3.27 -9.70 -9.80
C ILE A 161 -3.61 -10.47 -8.56
N LYS A 162 -4.52 -11.43 -8.68
CA LYS A 162 -5.01 -12.13 -7.50
C LYS A 162 -3.88 -12.90 -6.85
N MET A 163 -3.77 -12.74 -5.54
CA MET A 163 -2.70 -13.34 -4.77
C MET A 163 -3.30 -14.31 -3.76
N THR A 164 -2.56 -15.37 -3.46
CA THR A 164 -2.98 -16.39 -2.49
C THR A 164 -1.92 -16.52 -1.42
N ASP A 165 -2.17 -17.39 -0.44
CA ASP A 165 -1.19 -17.66 0.62
C ASP A 165 0.07 -18.36 0.12
N ASP A 166 0.11 -18.67 -1.17
CA ASP A 166 1.32 -19.20 -1.80
C ASP A 166 2.29 -18.08 -2.24
N ASP A 167 1.76 -16.87 -2.39
CA ASP A 167 2.52 -15.77 -2.95
C ASP A 167 3.46 -15.07 -1.96
N LEU A 168 4.57 -14.57 -2.49
CA LEU A 168 5.44 -13.64 -1.76
C LEU A 168 5.47 -12.32 -2.53
N PHE A 169 5.19 -11.23 -1.83
CA PHE A 169 5.11 -9.91 -2.47
C PHE A 169 6.28 -9.06 -2.05
N VAL A 170 6.89 -8.38 -3.03
CA VAL A 170 7.97 -7.43 -2.75
C VAL A 170 7.74 -6.12 -3.50
N ASP A 171 7.86 -4.99 -2.79
CA ASP A 171 7.94 -3.68 -3.41
C ASP A 171 9.41 -3.29 -3.47
N LEU A 172 9.97 -3.24 -4.67
CA LEU A 172 11.38 -2.85 -4.83
C LEU A 172 11.50 -1.34 -4.88
N GLY A 173 12.17 -0.74 -3.89
CA GLY A 173 12.17 0.71 -3.71
C GLY A 173 10.88 1.17 -3.05
N SER A 174 10.66 0.75 -1.82
CA SER A 174 9.34 0.84 -1.18
C SER A 174 8.98 2.18 -0.57
N GLY A 175 9.91 3.13 -0.60
CA GLY A 175 9.63 4.51 -0.19
C GLY A 175 9.32 4.57 1.30
N VAL A 176 8.20 5.19 1.67
CA VAL A 176 7.75 5.15 3.08
C VAL A 176 6.98 3.88 3.41
N GLY A 177 6.73 3.04 2.41
CA GLY A 177 6.20 1.69 2.63
C GLY A 177 4.71 1.49 2.47
N GLN A 178 3.99 2.49 1.97
CA GLN A 178 2.51 2.44 1.99
C GLN A 178 1.89 1.46 0.98
N VAL A 179 2.62 1.09 -0.07
CA VAL A 179 2.15 0.04 -0.99
C VAL A 179 2.15 -1.31 -0.28
N VAL A 180 3.24 -1.60 0.42
CA VAL A 180 3.34 -2.83 1.21
C VAL A 180 2.22 -2.92 2.27
N LEU A 181 2.00 -1.83 3.00
CA LEU A 181 0.95 -1.81 4.01
C LEU A 181 -0.42 -2.13 3.41
N GLN A 182 -0.75 -1.47 2.31
CA GLN A 182 -2.04 -1.72 1.65
C GLN A 182 -2.18 -3.17 1.22
N VAL A 183 -1.14 -3.72 0.57
CA VAL A 183 -1.20 -5.10 0.08
C VAL A 183 -1.28 -6.09 1.26
N ALA A 184 -0.51 -5.83 2.33
CA ALA A 184 -0.52 -6.65 3.53
C ALA A 184 -1.91 -6.65 4.20
N ALA A 185 -2.61 -5.52 4.13
CA ALA A 185 -3.94 -5.40 4.71
C ALA A 185 -5.01 -6.08 3.87
N ALA A 186 -4.76 -6.21 2.57
CA ALA A 186 -5.81 -6.67 1.68
C ALA A 186 -5.66 -8.12 1.19
N THR A 187 -4.48 -8.69 1.35
CA THR A 187 -4.24 -10.05 0.85
C THR A 187 -3.68 -10.99 1.91
N ASN A 188 -3.67 -12.27 1.60
CA ASN A 188 -3.05 -13.22 2.51
C ASN A 188 -1.81 -13.89 1.90
N CYS A 189 -0.88 -13.07 1.37
CA CYS A 189 0.44 -13.58 1.04
C CYS A 189 1.09 -14.09 2.31
N LYS A 190 2.00 -15.03 2.16
CA LYS A 190 2.73 -15.55 3.32
C LYS A 190 3.59 -14.43 3.91
N HIS A 191 4.20 -13.63 3.04
CA HIS A 191 4.96 -12.48 3.50
C HIS A 191 5.00 -11.37 2.46
N HIS A 192 5.15 -10.13 2.95
CA HIS A 192 5.24 -8.95 2.13
C HIS A 192 6.52 -8.25 2.56
N TYR A 193 7.30 -7.77 1.61
CA TYR A 193 8.49 -7.00 1.93
C TYR A 193 8.50 -5.70 1.15
N GLY A 194 9.10 -4.69 1.78
CA GLY A 194 9.53 -3.52 1.09
C GLY A 194 10.97 -3.26 1.42
N VAL A 195 11.73 -2.90 0.40
CA VAL A 195 13.12 -2.52 0.59
C VAL A 195 13.35 -1.14 0.00
N GLU A 196 14.02 -0.30 0.79
CA GLU A 196 14.24 1.08 0.41
C GLU A 196 15.65 1.47 0.78
N LYS A 197 16.33 2.16 -0.13
CA LYS A 197 17.75 2.49 0.03
C LYS A 197 17.97 3.85 0.66
N ALA A 198 17.16 4.84 0.31
CA ALA A 198 17.37 6.21 0.78
C ALA A 198 16.98 6.40 2.24
N ASP A 199 17.80 7.17 2.94
CA ASP A 199 17.65 7.44 4.36
C ASP A 199 16.33 8.06 4.80
N ILE A 200 15.94 9.14 4.16
CA ILE A 200 14.72 9.86 4.53
C ILE A 200 13.45 8.97 4.49
N PRO A 201 13.14 8.36 3.32
CA PRO A 201 11.94 7.50 3.28
C PRO A 201 12.05 6.27 4.18
N ALA A 202 13.23 5.64 4.20
CA ALA A 202 13.45 4.49 5.07
C ALA A 202 13.25 4.83 6.55
N LYS A 203 13.62 6.05 6.94
CA LYS A 203 13.40 6.50 8.32
C LYS A 203 11.90 6.66 8.62
N TYR A 204 11.19 7.35 7.75
CA TYR A 204 9.74 7.45 7.83
C TYR A 204 9.03 6.10 7.86
N ALA A 205 9.50 5.15 7.05
CA ALA A 205 8.91 3.80 6.98
C ALA A 205 8.89 3.08 8.34
N GLU A 206 9.87 3.38 9.21
CA GLU A 206 9.93 2.82 10.56
C GLU A 206 8.73 3.27 11.40
N THR A 207 8.40 4.55 11.32
CA THR A 207 7.21 5.09 12.00
C THR A 207 5.93 4.58 11.31
N MET A 208 5.94 4.52 9.96
CA MET A 208 4.78 4.00 9.22
C MET A 208 4.44 2.61 9.72
N ASP A 209 5.47 1.80 9.90
CA ASP A 209 5.34 0.44 10.41
C ASP A 209 4.64 0.40 11.77
N ARG A 210 5.15 1.19 12.74
CA ARG A 210 4.60 1.20 14.10
C ARG A 210 3.17 1.73 14.13
N GLU A 211 2.92 2.84 13.42
CA GLU A 211 1.61 3.47 13.37
C GLU A 211 0.55 2.56 12.73
N PHE A 212 0.95 1.84 11.67
CA PHE A 212 0.08 0.86 11.02
C PHE A 212 -0.37 -0.25 11.98
N ARG A 213 0.58 -0.92 12.62
CA ARG A 213 0.27 -1.97 13.60
C ARG A 213 -0.62 -1.44 14.73
N LYS A 214 -0.28 -0.26 15.24
CA LYS A 214 -1.08 0.38 16.29
C LYS A 214 -2.49 0.67 15.81
N TRP A 215 -2.64 1.39 14.70
CA TRP A 215 -3.98 1.74 14.21
C TRP A 215 -4.82 0.53 13.80
N MET A 216 -4.19 -0.47 13.19
CA MET A 216 -4.91 -1.69 12.82
C MET A 216 -5.41 -2.42 14.07
N LYS A 217 -4.61 -2.42 15.14
CA LYS A 217 -5.07 -2.93 16.44
C LYS A 217 -6.24 -2.09 16.95
N TRP A 218 -6.12 -0.77 16.82
CA TRP A 218 -7.16 0.15 17.30
C TRP A 218 -8.54 -0.10 16.67
N TYR A 219 -8.55 -0.36 15.35
CA TYR A 219 -9.81 -0.66 14.66
C TYR A 219 -10.24 -2.11 14.79
N GLY A 220 -9.34 -2.96 15.32
CA GLY A 220 -9.59 -4.40 15.40
C GLY A 220 -9.52 -5.11 14.06
N LYS A 221 -8.55 -4.75 13.22
CA LYS A 221 -8.45 -5.34 11.89
C LYS A 221 -7.10 -6.01 11.72
N LYS A 222 -7.08 -7.09 10.95
CA LYS A 222 -5.87 -7.85 10.79
C LYS A 222 -5.17 -7.55 9.45
N HIS A 223 -3.88 -7.87 9.41
CA HIS A 223 -3.09 -7.77 8.21
C HIS A 223 -2.24 -9.02 8.10
N ALA A 224 -1.78 -9.32 6.89
CA ALA A 224 -0.80 -10.38 6.69
C ALA A 224 0.55 -9.90 7.20
N GLU A 225 1.48 -10.83 7.27
CA GLU A 225 2.83 -10.59 7.74
C GLU A 225 3.55 -9.67 6.73
N TYR A 226 4.34 -8.73 7.24
CA TYR A 226 5.14 -7.87 6.37
C TYR A 226 6.36 -7.38 7.12
N THR A 227 7.37 -6.98 6.36
CA THR A 227 8.57 -6.37 6.88
C THR A 227 8.95 -5.19 5.98
N LEU A 228 9.28 -4.07 6.60
CA LEU A 228 9.85 -2.95 5.89
C LEU A 228 11.33 -2.86 6.21
N GLU A 229 12.16 -2.94 5.18
CA GLU A 229 13.61 -3.00 5.36
C GLU A 229 14.32 -1.85 4.66
N ARG A 230 15.41 -1.40 5.28
CA ARG A 230 16.39 -0.53 4.66
C ARG A 230 17.38 -1.43 3.90
N GLY A 231 17.70 -1.07 2.66
CA GLY A 231 18.64 -1.87 1.88
C GLY A 231 18.70 -1.48 0.42
N ASP A 232 19.56 -2.19 -0.31
CA ASP A 232 19.79 -1.93 -1.71
C ASP A 232 19.38 -3.18 -2.49
N PHE A 233 18.35 -3.06 -3.34
CA PHE A 233 17.80 -4.24 -4.01
C PHE A 233 18.69 -4.76 -5.15
N LEU A 234 19.82 -4.10 -5.37
CA LEU A 234 20.80 -4.60 -6.34
C LEU A 234 21.89 -5.42 -5.66
N SER A 235 21.85 -5.50 -4.33
CA SER A 235 22.89 -6.19 -3.55
C SER A 235 22.91 -7.68 -3.84
N GLU A 236 23.97 -8.33 -3.36
CA GLU A 236 24.15 -9.76 -3.57
C GLU A 236 23.01 -10.54 -2.93
N GLU A 237 22.70 -10.20 -1.67
CA GLU A 237 21.60 -10.83 -0.93
C GLU A 237 20.26 -10.78 -1.68
N TRP A 238 19.99 -9.66 -2.36
CA TRP A 238 18.70 -9.47 -3.02
C TRP A 238 18.53 -10.26 -4.32
N ARG A 239 19.64 -10.72 -4.92
CA ARG A 239 19.58 -11.55 -6.13
C ARG A 239 18.69 -12.76 -5.89
N GLU A 240 18.98 -13.52 -4.84
CA GLU A 240 18.21 -14.72 -4.49
C GLU A 240 16.80 -14.37 -4.01
N ARG A 241 16.67 -13.31 -3.21
CA ARG A 241 15.37 -12.89 -2.70
C ARG A 241 14.42 -12.60 -3.86
N ILE A 242 14.90 -11.87 -4.85
CA ILE A 242 14.14 -11.60 -6.06
C ILE A 242 13.77 -12.87 -6.84
N ALA A 243 14.71 -13.83 -6.92
CA ALA A 243 14.48 -15.10 -7.63
C ALA A 243 13.33 -15.88 -7.02
N ASN A 244 13.20 -15.80 -5.70
CA ASN A 244 12.16 -16.53 -4.97
C ASN A 244 10.85 -15.74 -4.73
N THR A 245 10.77 -14.49 -5.23
CA THR A 245 9.55 -13.67 -5.09
C THR A 245 8.56 -13.98 -6.21
N SER A 246 7.29 -14.18 -5.87
CA SER A 246 6.29 -14.47 -6.90
C SER A 246 5.57 -13.23 -7.46
N VAL A 247 5.55 -12.14 -6.69
CA VAL A 247 4.93 -10.89 -7.18
C VAL A 247 5.80 -9.71 -6.79
N ILE A 248 6.35 -9.06 -7.81
CA ILE A 248 7.17 -7.91 -7.60
C ILE A 248 6.39 -6.68 -7.99
N PHE A 249 6.41 -5.66 -7.13
CA PHE A 249 5.94 -4.34 -7.53
C PHE A 249 7.14 -3.42 -7.59
N VAL A 250 7.23 -2.62 -8.64
CA VAL A 250 8.37 -1.73 -8.79
C VAL A 250 8.02 -0.48 -9.60
N ASN A 251 8.04 0.65 -8.91
CA ASN A 251 7.80 1.93 -9.53
C ASN A 251 9.14 2.40 -10.10
N ASN A 252 9.47 1.91 -11.30
CA ASN A 252 10.78 2.12 -11.89
C ASN A 252 10.80 3.27 -12.89
N PHE A 253 9.73 4.05 -12.94
CA PHE A 253 9.64 5.14 -13.89
C PHE A 253 10.90 6.00 -14.00
N ALA A 254 11.54 6.29 -12.87
CA ALA A 254 12.71 7.18 -12.89
C ALA A 254 14.04 6.45 -12.65
N PHE A 255 14.02 5.12 -12.64
CA PHE A 255 15.24 4.35 -12.38
C PHE A 255 16.32 4.55 -13.44
N GLY A 256 15.91 4.61 -14.70
CA GLY A 256 16.85 4.72 -15.80
C GLY A 256 17.31 3.37 -16.35
N PRO A 257 17.93 3.38 -17.55
CA PRO A 257 18.34 2.20 -18.31
C PRO A 257 19.32 1.29 -17.60
N GLU A 258 20.24 1.86 -16.82
CA GLU A 258 21.26 1.05 -16.13
C GLU A 258 20.61 0.17 -15.07
N VAL A 259 19.86 0.79 -14.17
CA VAL A 259 19.13 0.09 -13.12
C VAL A 259 18.11 -0.90 -13.69
N ASP A 260 17.37 -0.49 -14.72
CA ASP A 260 16.41 -1.39 -15.36
C ASP A 260 17.10 -2.63 -15.96
N HIS A 261 18.28 -2.44 -16.54
CA HIS A 261 19.07 -3.55 -17.07
C HIS A 261 19.49 -4.52 -15.95
N GLN A 262 20.00 -3.98 -14.84
CA GLN A 262 20.35 -4.77 -13.68
C GLN A 262 19.16 -5.56 -13.12
N LEU A 263 17.97 -4.94 -13.09
CA LEU A 263 16.75 -5.61 -12.65
C LEU A 263 16.34 -6.75 -13.60
N LYS A 264 16.41 -6.52 -14.91
CA LYS A 264 16.22 -7.60 -15.90
C LYS A 264 17.06 -8.85 -15.58
N GLU A 265 18.33 -8.64 -15.20
CA GLU A 265 19.22 -9.75 -14.85
C GLU A 265 18.68 -10.48 -13.66
N ARG A 266 18.16 -9.73 -12.68
CA ARG A 266 17.58 -10.38 -11.51
C ARG A 266 16.31 -11.12 -11.86
N PHE A 267 15.48 -10.54 -12.72
CA PHE A 267 14.20 -11.16 -13.07
C PHE A 267 14.34 -12.44 -13.87
N ALA A 268 15.45 -12.57 -14.60
CA ALA A 268 15.69 -13.75 -15.45
C ALA A 268 15.82 -15.05 -14.63
N ASN A 269 16.03 -14.91 -13.32
CA ASN A 269 16.05 -16.05 -12.39
C ASN A 269 14.72 -16.40 -11.73
N MET A 270 13.66 -15.68 -12.06
CA MET A 270 12.35 -15.94 -11.43
C MET A 270 11.70 -17.21 -11.97
N LYS A 271 10.79 -17.77 -11.18
CA LYS A 271 10.03 -18.96 -11.54
C LYS A 271 8.90 -18.65 -12.51
N GLU A 272 8.49 -19.69 -13.26
CA GLU A 272 7.28 -19.68 -14.08
C GLU A 272 6.12 -19.13 -13.28
N GLY A 273 5.29 -18.32 -13.93
CA GLY A 273 4.15 -17.71 -13.25
C GLY A 273 4.51 -16.50 -12.39
N GLY A 274 5.81 -16.28 -12.12
CA GLY A 274 6.24 -15.08 -11.40
C GLY A 274 5.75 -13.84 -12.13
N ARG A 275 5.35 -12.82 -11.37
CA ARG A 275 4.79 -11.62 -11.98
C ARG A 275 5.49 -10.35 -11.50
N ILE A 276 5.61 -9.37 -12.39
CA ILE A 276 6.18 -8.08 -12.07
C ILE A 276 5.22 -6.98 -12.51
N VAL A 277 4.85 -6.10 -11.58
CA VAL A 277 4.05 -4.92 -11.90
C VAL A 277 4.95 -3.70 -11.86
N SER A 278 4.94 -2.90 -12.91
CA SER A 278 5.88 -1.78 -12.98
C SER A 278 5.27 -0.59 -13.73
N SER A 279 5.87 0.58 -13.54
CA SER A 279 5.39 1.78 -14.19
C SER A 279 6.11 2.04 -15.53
N LYS A 280 7.11 1.22 -15.83
CA LYS A 280 7.78 1.25 -17.13
C LYS A 280 8.11 -0.19 -17.52
N PRO A 281 7.72 -0.60 -18.74
CA PRO A 281 7.88 -1.99 -19.17
C PRO A 281 9.33 -2.46 -19.19
N PHE A 282 9.55 -3.71 -18.80
CA PHE A 282 10.88 -4.29 -18.86
C PHE A 282 11.22 -4.92 -20.22
N ALA A 283 10.19 -5.13 -21.05
CA ALA A 283 10.37 -5.60 -22.41
C ALA A 283 9.29 -4.95 -23.28
N PRO A 284 9.50 -4.88 -24.61
CA PRO A 284 8.48 -4.26 -25.46
C PRO A 284 7.18 -5.07 -25.52
N LEU A 285 6.07 -4.37 -25.72
CA LEU A 285 4.74 -5.00 -25.72
C LEU A 285 4.53 -5.88 -26.94
N ASN A 286 5.23 -5.53 -28.02
CA ASN A 286 5.13 -6.24 -29.30
C ASN A 286 6.31 -7.20 -29.55
N PHE A 287 6.94 -7.69 -28.49
CA PHE A 287 8.15 -8.48 -28.63
C PHE A 287 7.96 -9.67 -29.56
N ARG A 288 8.77 -9.69 -30.62
CA ARG A 288 8.85 -10.81 -31.56
C ARG A 288 10.20 -11.51 -31.38
N ILE A 289 10.16 -12.75 -30.93
CA ILE A 289 11.38 -13.52 -30.72
C ILE A 289 12.03 -13.88 -32.08
N ASN A 290 13.32 -13.57 -32.22
CA ASN A 290 14.09 -13.94 -33.40
C ASN A 290 15.56 -14.19 -33.08
N SER A 291 16.38 -14.39 -34.11
CA SER A 291 17.77 -14.85 -33.94
C SER A 291 18.71 -13.80 -33.37
N ARG A 292 18.32 -12.54 -33.45
CA ARG A 292 19.15 -11.45 -32.91
C ARG A 292 18.86 -11.10 -31.46
N ASN A 293 17.65 -11.43 -30.98
CA ASN A 293 17.24 -10.99 -29.63
C ASN A 293 17.05 -12.14 -28.64
N LEU A 294 17.73 -13.26 -28.94
CA LEU A 294 17.61 -14.53 -28.22
C LEU A 294 17.81 -14.46 -26.72
N SER A 295 18.65 -13.53 -26.28
CA SER A 295 18.95 -13.40 -24.86
C SER A 295 18.21 -12.25 -24.18
N ASP A 296 17.39 -11.52 -24.93
CA ASP A 296 16.57 -10.44 -24.35
C ASP A 296 15.55 -11.02 -23.36
N ILE A 297 15.30 -10.29 -22.28
CA ILE A 297 14.33 -10.72 -21.27
C ILE A 297 12.92 -10.91 -21.82
N GLY A 298 12.61 -10.22 -22.92
CA GLY A 298 11.36 -10.46 -23.68
C GLY A 298 11.11 -11.91 -24.11
N THR A 299 12.19 -12.72 -24.20
CA THR A 299 12.06 -14.14 -24.57
C THR A 299 11.39 -14.99 -23.52
N ILE A 300 11.31 -14.49 -22.27
CA ILE A 300 10.73 -15.27 -21.17
C ILE A 300 9.54 -14.63 -20.43
N MET A 301 8.91 -13.61 -21.01
CA MET A 301 7.76 -12.98 -20.35
C MET A 301 6.69 -12.44 -21.28
N ARG A 302 5.43 -12.62 -20.87
CA ARG A 302 4.33 -11.85 -21.44
C ARG A 302 4.28 -10.49 -20.75
N VAL A 303 4.02 -9.44 -21.53
CA VAL A 303 3.90 -8.10 -20.99
C VAL A 303 2.60 -7.50 -21.50
N VAL A 304 1.72 -7.12 -20.58
CA VAL A 304 0.47 -6.42 -20.90
C VAL A 304 0.39 -5.08 -20.17
N GLU A 305 -0.35 -4.15 -20.75
CA GLU A 305 -0.64 -2.88 -20.10
C GLU A 305 -1.87 -3.10 -19.24
N LEU A 306 -1.79 -2.73 -17.97
CA LEU A 306 -2.98 -2.74 -17.14
C LEU A 306 -3.92 -1.62 -17.58
N SER A 307 -5.22 -1.92 -17.53
CA SER A 307 -6.25 -0.95 -17.88
C SER A 307 -6.08 0.31 -17.05
N PRO A 308 -6.13 1.48 -17.71
CA PRO A 308 -6.08 2.73 -16.96
C PRO A 308 -7.37 2.92 -16.15
N LEU A 309 -7.25 3.47 -14.96
CA LEU A 309 -8.42 3.87 -14.20
C LEU A 309 -9.03 5.08 -14.88
N LYS A 310 -10.33 5.00 -15.16
CA LYS A 310 -11.09 6.06 -15.82
C LYS A 310 -10.70 7.45 -15.31
N GLY A 311 -10.46 8.36 -16.25
CA GLY A 311 -10.03 9.71 -15.92
C GLY A 311 -8.93 9.74 -14.87
N SER A 312 -7.77 9.20 -15.24
CA SER A 312 -6.55 9.44 -14.49
C SER A 312 -5.48 9.83 -15.51
N VAL A 313 -4.92 11.03 -15.36
CA VAL A 313 -3.86 11.50 -16.26
C VAL A 313 -2.52 11.66 -15.53
N SER A 314 -1.45 11.35 -16.25
CA SER A 314 -0.08 11.55 -15.78
C SER A 314 0.32 13.01 -15.98
N TRP A 315 1.52 13.36 -15.52
CA TRP A 315 2.06 14.70 -15.75
C TRP A 315 2.23 15.00 -17.26
N THR A 316 2.33 13.93 -18.06
CA THR A 316 2.33 14.02 -19.52
C THR A 316 0.93 14.24 -20.13
N GLY A 317 -0.11 14.19 -19.29
CA GLY A 317 -1.49 14.36 -19.75
C GLY A 317 -2.07 13.12 -20.41
N LYS A 318 -1.25 12.09 -20.55
CA LYS A 318 -1.69 10.79 -21.04
C LYS A 318 -2.10 9.93 -19.82
N PRO A 319 -3.06 9.01 -19.98
CA PRO A 319 -3.46 8.14 -18.86
C PRO A 319 -2.28 7.33 -18.27
N VAL A 320 -2.02 7.49 -16.96
CA VAL A 320 -0.88 6.80 -16.32
C VAL A 320 -1.02 5.31 -16.45
N SER A 321 0.06 4.66 -16.87
CA SER A 321 0.03 3.25 -17.16
C SER A 321 1.00 2.47 -16.28
N TYR A 322 0.55 1.28 -15.92
CA TYR A 322 1.36 0.30 -15.25
C TYR A 322 1.33 -0.99 -16.09
N TYR A 323 2.30 -1.87 -15.91
CA TYR A 323 2.50 -3.00 -16.82
C TYR A 323 2.66 -4.28 -16.06
N LEU A 324 2.04 -5.34 -16.55
CA LEU A 324 2.12 -6.62 -15.89
C LEU A 324 2.99 -7.55 -16.73
N HIS A 325 4.04 -8.08 -16.10
CA HIS A 325 4.92 -9.04 -16.76
C HIS A 325 4.69 -10.38 -16.09
N THR A 326 4.51 -11.42 -16.90
CA THR A 326 4.37 -12.79 -16.38
C THR A 326 5.48 -13.71 -16.95
N ILE A 327 6.28 -14.29 -16.06
CA ILE A 327 7.33 -15.21 -16.47
C ILE A 327 6.71 -16.39 -17.21
N ASP A 328 7.11 -16.56 -18.46
CA ASP A 328 6.54 -17.59 -19.32
C ASP A 328 7.60 -18.05 -20.32
N ARG A 329 8.31 -19.11 -19.96
CA ARG A 329 9.43 -19.59 -20.78
C ARG A 329 8.95 -20.41 -21.97
N THR A 330 7.64 -20.67 -21.98
CA THR A 330 6.89 -21.25 -23.10
C THR A 330 7.16 -20.50 -24.40
N ILE A 331 7.44 -19.20 -24.30
CA ILE A 331 7.73 -18.38 -25.47
C ILE A 331 9.00 -18.93 -26.13
N LEU A 332 10.02 -19.13 -25.31
CA LEU A 332 11.33 -19.56 -25.76
C LEU A 332 11.30 -21.00 -26.29
N GLU A 333 10.66 -21.88 -25.53
CA GLU A 333 10.51 -23.29 -25.89
C GLU A 333 9.89 -23.45 -27.27
N ASN A 334 8.85 -22.66 -27.53
CA ASN A 334 8.14 -22.69 -28.81
C ASN A 334 8.97 -22.21 -29.97
N TYR A 335 9.80 -21.20 -29.74
CA TYR A 335 10.70 -20.72 -30.78
C TYR A 335 11.71 -21.81 -31.17
N PHE A 336 12.28 -22.49 -30.18
CA PHE A 336 13.25 -23.54 -30.44
C PHE A 336 12.62 -24.75 -31.12
N SER A 337 11.38 -25.08 -30.74
CA SER A 337 10.59 -26.08 -31.46
C SER A 337 10.40 -25.70 -32.92
N SER A 338 10.05 -24.43 -33.16
CA SER A 338 9.86 -23.94 -34.52
C SER A 338 11.13 -24.07 -35.36
N LEU A 339 12.30 -24.01 -34.72
CA LEU A 339 13.58 -24.14 -35.44
C LEU A 339 13.85 -25.57 -35.91
N LYS A 340 13.12 -26.55 -35.38
CA LYS A 340 13.22 -27.96 -35.78
C LYS A 340 12.17 -28.34 -36.84
N ASN A 341 11.66 -27.33 -37.56
CA ASN A 341 10.49 -27.47 -38.43
C ASN A 341 10.77 -26.84 -39.81
N PRO A 342 9.75 -26.82 -40.71
CA PRO A 342 9.92 -26.02 -41.94
C PRO A 342 9.37 -24.59 -41.79
#